data_8QCS
#
_entry.id   8QCS
#
_cell.length_a   1.00
_cell.length_b   1.00
_cell.length_c   1.00
_cell.angle_alpha   90.00
_cell.angle_beta   90.00
_cell.angle_gamma   90.00
#
_symmetry.space_group_name_H-M   'P 1'
#
_entity_poly.entity_id   1
_entity_poly.type   'polypeptide(L)'
_entity_poly.pdbx_seq_one_letter_code
;MARPDDEEGAAVAPGHPLAKGYLPLPRGAPVGKESVELQNGPKAGTFPVNGAPRDSLAAASGVLGGPQTPLAPEEETQAR
LLPAGAGAETPGAESSPLPLTALSPRRFVVLLIFSLYSLVNAFQWIQYSIISNVFEGFYGVTLLHIDWLSMVYMLAYVPL
IFPATWLLDTRGLRLTALLGSGLNCLGAWIKCGSVQQHLFWVTMLGQCLCSVAQVFILGLPSRIASVWFGPKEVSTACAT
AVLGNQLGTAVGFLLPPVLVPNTQNDTNLLACNISTMFYGTSAVATLLFILTAIAFKEKPRYPPSQAQAALQDSPPEEYS
YKKSIRNLFKNIPFVLLLITYGIMTGAFYSVSTLLNQMILTYYEGEEVNAGRIGLTLVVAGMVGSILCGLWLDYTKTYKQ
TTLIVYILSFIGMVIFTFTLDLRYIIIVFVTGGVLGFFMTGYLPLGFEFAVEITYPESEGTSSGLLNASAQIFGILFTLA
QGKLTSDYGPKAGNIFLCVWMFIGIILTALIKSDLRRHNINIGITNVDVKAIPADSPTDQEPKTVMLSKQSESAIDYKDD
DDK
;
_entity_poly.pdbx_strand_id   A
#
# COMPACT_ATOMS: atom_id res chain seq x y z
N LEU A 100 -27.75 21.41 -14.18
CA LEU A 100 -27.42 20.43 -15.21
C LEU A 100 -26.22 19.58 -14.80
N THR A 101 -26.49 18.31 -14.51
CA THR A 101 -25.46 17.36 -14.12
C THR A 101 -25.54 16.13 -15.03
N ALA A 102 -24.40 15.72 -15.57
CA ALA A 102 -24.35 14.59 -16.48
C ALA A 102 -23.04 13.84 -16.27
N LEU A 103 -23.02 12.59 -16.73
CA LEU A 103 -21.86 11.73 -16.59
C LEU A 103 -21.13 11.67 -17.94
N SER A 104 -19.84 12.00 -17.93
CA SER A 104 -19.01 11.99 -19.13
C SER A 104 -18.39 10.62 -19.35
N PRO A 105 -18.30 10.16 -20.60
CA PRO A 105 -17.65 8.87 -20.87
C PRO A 105 -16.17 8.88 -20.55
N ARG A 106 -15.54 10.05 -20.39
CA ARG A 106 -14.12 10.13 -20.09
C ARG A 106 -13.79 9.58 -18.71
N ARG A 107 -14.78 9.47 -17.82
CA ARG A 107 -14.50 9.05 -16.44
C ARG A 107 -13.94 7.64 -16.39
N PHE A 108 -14.36 6.76 -17.29
CA PHE A 108 -13.78 5.43 -17.35
C PHE A 108 -12.32 5.48 -17.78
N VAL A 109 -12.00 6.35 -18.74
CA VAL A 109 -10.61 6.50 -19.17
C VAL A 109 -9.76 7.07 -18.05
N VAL A 110 -10.28 8.06 -17.33
CA VAL A 110 -9.52 8.68 -16.23
C VAL A 110 -9.30 7.65 -15.12
N LEU A 111 -10.35 6.92 -14.75
CA LEU A 111 -10.22 5.93 -13.69
C LEU A 111 -9.28 4.79 -14.11
N LEU A 112 -9.38 4.34 -15.36
CA LEU A 112 -8.51 3.27 -15.83
C LEU A 112 -7.06 3.72 -15.86
N ILE A 113 -6.81 4.95 -16.30
CA ILE A 113 -5.44 5.44 -16.39
C ILE A 113 -4.83 5.55 -15.00
N PHE A 114 -5.58 6.10 -14.04
CA PHE A 114 -5.06 6.22 -12.68
C PHE A 114 -4.80 4.86 -12.06
N SER A 115 -5.73 3.92 -12.24
CA SER A 115 -5.55 2.58 -11.67
C SER A 115 -4.35 1.88 -12.27
N LEU A 116 -4.04 2.15 -13.53
CA LEU A 116 -2.91 1.46 -14.17
C LEU A 116 -1.57 2.01 -13.68
N TYR A 117 -1.44 3.33 -13.55
CA TYR A 117 -0.17 3.86 -13.05
C TYR A 117 -0.09 3.83 -11.54
N SER A 118 -1.20 3.63 -10.83
CA SER A 118 -1.11 3.24 -9.42
C SER A 118 -0.61 1.81 -9.29
N LEU A 119 -0.96 0.94 -10.24
CA LEU A 119 -0.46 -0.42 -10.25
C LEU A 119 1.06 -0.45 -10.40
N VAL A 120 1.59 0.37 -11.32
CA VAL A 120 3.02 0.38 -11.57
C VAL A 120 3.78 0.90 -10.36
N ASN A 121 3.28 1.95 -9.72
CA ASN A 121 3.94 2.50 -8.55
C ASN A 121 3.93 1.52 -7.38
N ALA A 122 2.80 0.85 -7.17
CA ALA A 122 2.75 -0.18 -6.13
C ALA A 122 3.55 -1.41 -6.53
N PHE A 123 3.69 -1.67 -7.82
CA PHE A 123 4.55 -2.74 -8.29
C PHE A 123 6.00 -2.49 -7.90
N GLN A 124 6.44 -1.24 -8.01
CA GLN A 124 7.83 -0.90 -7.76
C GLN A 124 8.20 -0.90 -6.29
N TRP A 125 7.21 -0.79 -5.39
CA TRP A 125 7.53 -0.79 -3.96
C TRP A 125 8.06 -2.14 -3.51
N ILE A 126 7.46 -3.23 -3.99
CA ILE A 126 7.78 -4.57 -3.51
C ILE A 126 8.61 -5.37 -4.49
N GLN A 127 9.01 -4.78 -5.62
CA GLN A 127 9.79 -5.53 -6.60
C GLN A 127 11.18 -5.88 -6.11
N TYR A 128 11.76 -5.07 -5.23
CA TYR A 128 13.07 -5.38 -4.68
C TYR A 128 13.02 -6.37 -3.53
N SER A 129 12.00 -6.27 -2.68
CA SER A 129 11.96 -7.07 -1.46
C SER A 129 11.66 -8.54 -1.75
N ILE A 130 10.81 -8.81 -2.75
CA ILE A 130 10.43 -10.18 -3.04
C ILE A 130 11.59 -10.99 -3.59
N ILE A 131 12.60 -10.34 -4.16
CA ILE A 131 13.81 -11.02 -4.61
C ILE A 131 15.01 -10.41 -3.91
N SER A 132 14.82 -10.00 -2.65
CA SER A 132 15.88 -9.33 -1.91
C SER A 132 17.16 -10.16 -1.84
N ASN A 133 17.03 -11.49 -1.85
CA ASN A 133 18.22 -12.33 -1.86
C ASN A 133 18.97 -12.25 -3.18
N VAL A 134 18.29 -11.92 -4.27
CA VAL A 134 18.97 -11.74 -5.56
C VAL A 134 19.81 -10.47 -5.53
N PHE A 135 19.25 -9.38 -5.01
CA PHE A 135 19.98 -8.11 -4.98
C PHE A 135 21.09 -8.10 -3.95
N GLU A 136 21.10 -9.05 -3.01
CA GLU A 136 22.21 -9.14 -2.06
C GLU A 136 23.54 -9.34 -2.77
N GLY A 137 23.61 -10.34 -3.66
CA GLY A 137 24.84 -10.63 -4.34
C GLY A 137 25.11 -9.77 -5.55
N PHE A 138 24.08 -9.14 -6.11
CA PHE A 138 24.28 -8.28 -7.27
C PHE A 138 24.99 -6.99 -6.88
N TYR A 139 24.55 -6.36 -5.80
CA TYR A 139 25.15 -5.12 -5.33
C TYR A 139 26.24 -5.32 -4.29
N GLY A 140 26.45 -6.55 -3.83
CA GLY A 140 27.35 -6.76 -2.70
C GLY A 140 26.88 -6.04 -1.46
N VAL A 141 25.60 -6.14 -1.16
CA VAL A 141 24.94 -5.28 -0.18
C VAL A 141 24.12 -6.15 0.78
N THR A 142 24.17 -5.82 2.06
CA THR A 142 23.45 -6.57 3.09
C THR A 142 21.94 -6.36 2.96
N LEU A 143 21.19 -7.20 3.67
CA LEU A 143 19.73 -7.15 3.56
C LEU A 143 19.15 -5.86 4.13
N LEU A 144 19.87 -5.18 5.01
CA LEU A 144 19.33 -3.98 5.64
C LEU A 144 19.07 -2.89 4.61
N HIS A 145 20.00 -2.71 3.66
CA HIS A 145 19.78 -1.71 2.61
C HIS A 145 18.62 -2.10 1.71
N ILE A 146 18.52 -3.38 1.34
CA ILE A 146 17.45 -3.81 0.45
C ILE A 146 16.10 -3.64 1.11
N ASP A 147 16.02 -3.86 2.42
CA ASP A 147 14.79 -3.56 3.15
C ASP A 147 14.48 -2.07 3.11
N TRP A 148 15.51 -1.22 3.09
CA TRP A 148 15.29 0.22 3.02
C TRP A 148 14.73 0.65 1.68
N LEU A 149 14.90 -0.16 0.63
CA LEU A 149 14.29 0.16 -0.65
C LEU A 149 12.78 0.15 -0.55
N SER A 150 12.21 -0.82 0.16
CA SER A 150 10.78 -0.84 0.40
C SER A 150 10.35 0.06 1.56
N MET A 151 11.30 0.51 2.39
CA MET A 151 10.94 1.30 3.55
C MET A 151 10.91 2.80 3.26
N VAL A 152 11.67 3.26 2.25
CA VAL A 152 11.61 4.67 1.90
C VAL A 152 10.25 5.03 1.31
N TYR A 153 9.49 4.03 0.85
CA TYR A 153 8.10 4.26 0.48
C TYR A 153 7.29 4.72 1.68
N MET A 154 7.67 4.28 2.87
CA MET A 154 7.00 4.68 4.11
C MET A 154 7.67 5.89 4.76
N LEU A 155 8.99 5.98 4.67
CA LEU A 155 9.70 7.12 5.25
C LEU A 155 9.32 8.42 4.57
N ALA A 156 9.25 8.41 3.23
CA ALA A 156 8.95 9.63 2.48
C ALA A 156 7.48 10.02 2.56
N TYR A 157 6.61 9.11 2.97
CA TYR A 157 5.18 9.41 3.03
C TYR A 157 4.84 10.28 4.25
N VAL A 158 5.53 10.05 5.37
CA VAL A 158 5.15 10.72 6.62
C VAL A 158 5.26 12.24 6.54
N PRO A 159 6.38 12.83 6.10
CA PRO A 159 6.46 14.29 6.09
C PRO A 159 5.75 14.93 4.90
N LEU A 160 5.67 14.22 3.78
CA LEU A 160 5.18 14.79 2.54
C LEU A 160 3.68 14.63 2.33
N ILE A 161 2.98 13.91 3.20
CA ILE A 161 1.57 13.63 2.95
C ILE A 161 0.74 14.91 3.03
N PHE A 162 1.00 15.74 4.03
CA PHE A 162 0.15 16.90 4.27
C PHE A 162 0.45 18.06 3.33
N PRO A 163 1.73 18.40 3.05
CA PRO A 163 1.99 19.37 1.99
C PRO A 163 1.46 18.94 0.64
N ALA A 164 1.51 17.64 0.33
CA ALA A 164 0.94 17.16 -0.93
C ALA A 164 -0.58 17.28 -0.93
N THR A 165 -1.21 17.02 0.20
CA THR A 165 -2.66 17.21 0.31
C THR A 165 -3.02 18.69 0.11
N TRP A 166 -2.17 19.59 0.61
CA TRP A 166 -2.38 21.02 0.35
C TRP A 166 -2.27 21.32 -1.13
N LEU A 167 -1.28 20.72 -1.80
CA LEU A 167 -1.13 20.94 -3.24
C LEU A 167 -2.34 20.43 -4.00
N LEU A 168 -2.83 19.24 -3.65
CA LEU A 168 -3.98 18.67 -4.33
C LEU A 168 -5.24 19.51 -4.10
N ASP A 169 -5.41 20.02 -2.89
CA ASP A 169 -6.67 20.74 -2.56
C ASP A 169 -6.66 22.16 -3.15
N THR A 170 -5.50 22.65 -3.56
CA THR A 170 -5.39 24.01 -4.06
C THR A 170 -5.13 24.10 -5.56
N ARG A 171 -4.26 23.27 -6.10
CA ARG A 171 -3.91 23.37 -7.52
C ARG A 171 -4.88 22.63 -8.43
N GLY A 172 -5.21 21.39 -8.12
CA GLY A 172 -6.17 20.63 -8.88
C GLY A 172 -5.78 19.17 -9.03
N LEU A 173 -6.67 18.42 -9.67
CA LEU A 173 -6.46 16.99 -9.87
C LEU A 173 -5.36 16.73 -10.89
N ARG A 174 -5.30 17.53 -11.95
CA ARG A 174 -4.39 17.25 -13.05
C ARG A 174 -2.93 17.35 -12.62
N LEU A 175 -2.58 18.40 -11.87
CA LEU A 175 -1.20 18.57 -11.45
C LEU A 175 -0.74 17.43 -10.55
N THR A 176 -1.59 17.02 -9.61
CA THR A 176 -1.25 15.89 -8.75
C THR A 176 -1.14 14.60 -9.56
N ALA A 177 -2.03 14.42 -10.54
CA ALA A 177 -1.95 13.25 -11.41
C ALA A 177 -0.69 13.28 -12.26
N LEU A 178 -0.34 14.46 -12.79
CA LEU A 178 0.88 14.58 -13.58
C LEU A 178 2.12 14.33 -12.73
N LEU A 179 2.14 14.87 -11.50
CA LEU A 179 3.27 14.64 -10.62
C LEU A 179 3.36 13.19 -10.18
N GLY A 180 2.22 12.56 -9.90
CA GLY A 180 2.24 11.17 -9.47
C GLY A 180 2.77 10.24 -10.55
N SER A 181 2.27 10.41 -11.78
CA SER A 181 2.74 9.58 -12.88
C SER A 181 4.10 10.05 -13.39
N GLY A 182 4.35 11.36 -13.37
CA GLY A 182 5.62 11.88 -13.86
C GLY A 182 6.80 11.45 -13.01
N LEU A 183 6.65 11.52 -11.69
CA LEU A 183 7.72 11.07 -10.80
C LEU A 183 7.84 9.54 -10.81
N ASN A 184 6.72 8.84 -10.97
CA ASN A 184 6.78 7.40 -11.12
C ASN A 184 7.53 6.99 -12.38
N CYS A 185 7.27 7.69 -13.49
CA CYS A 185 8.01 7.43 -14.72
C CYS A 185 9.47 7.82 -14.59
N LEU A 186 9.74 8.98 -13.98
CA LEU A 186 11.12 9.42 -13.80
C LEU A 186 11.88 8.49 -12.86
N GLY A 187 11.24 8.05 -11.77
CA GLY A 187 11.91 7.14 -10.86
C GLY A 187 12.22 5.80 -11.49
N ALA A 188 11.33 5.30 -12.34
CA ALA A 188 11.57 4.04 -13.02
C ALA A 188 12.72 4.15 -14.02
N TRP A 189 12.81 5.30 -14.71
CA TRP A 189 13.86 5.47 -15.71
C TRP A 189 15.24 5.58 -15.08
N ILE A 190 15.32 6.14 -13.87
CA ILE A 190 16.60 6.21 -13.17
C ILE A 190 17.07 4.80 -12.80
N LYS A 191 16.13 3.93 -12.42
CA LYS A 191 16.49 2.57 -12.05
C LYS A 191 17.10 1.81 -13.22
N CYS A 192 16.59 2.04 -14.43
CA CYS A 192 17.09 1.32 -15.59
C CYS A 192 18.57 1.58 -15.83
N GLY A 193 19.06 2.74 -15.41
CA GLY A 193 20.47 3.06 -15.49
C GLY A 193 21.27 2.65 -14.27
N SER A 194 20.67 1.91 -13.34
CA SER A 194 21.32 1.52 -12.10
C SER A 194 21.70 0.04 -12.07
N VAL A 195 21.67 -0.64 -13.21
CA VAL A 195 21.90 -2.10 -13.22
C VAL A 195 23.41 -2.29 -13.37
N GLN A 196 24.09 -2.19 -12.24
CA GLN A 196 25.52 -2.45 -12.15
C GLN A 196 25.85 -2.85 -10.72
N GLN A 197 26.99 -3.52 -10.55
CA GLN A 197 27.37 -4.05 -9.24
C GLN A 197 27.84 -2.98 -8.27
N HIS A 198 28.05 -1.75 -8.73
CA HIS A 198 28.57 -0.69 -7.89
C HIS A 198 27.73 0.58 -7.99
N LEU A 199 26.43 0.43 -8.19
CA LEU A 199 25.53 1.56 -8.38
C LEU A 199 24.25 1.38 -7.57
N PHE A 200 24.40 0.96 -6.31
CA PHE A 200 23.23 0.79 -5.47
C PHE A 200 22.56 2.13 -5.15
N TRP A 201 23.35 3.20 -5.03
CA TRP A 201 22.77 4.50 -4.73
C TRP A 201 21.91 5.01 -5.88
N VAL A 202 22.22 4.62 -7.11
CA VAL A 202 21.42 5.05 -8.25
C VAL A 202 20.03 4.43 -8.18
N THR A 203 19.95 3.14 -7.87
CA THR A 203 18.64 2.53 -7.64
C THR A 203 18.04 2.97 -6.31
N MET A 204 18.88 3.47 -5.40
CA MET A 204 18.35 4.08 -4.18
C MET A 204 17.72 5.44 -4.49
N LEU A 205 18.35 6.22 -5.37
CA LEU A 205 17.78 7.50 -5.78
C LEU A 205 16.52 7.30 -6.61
N GLY A 206 16.52 6.29 -7.49
CA GLY A 206 15.33 6.02 -8.28
C GLY A 206 14.13 5.63 -7.44
N GLN A 207 14.36 4.79 -6.43
CA GLN A 207 13.27 4.41 -5.54
C GLN A 207 12.80 5.57 -4.68
N CYS A 208 13.69 6.52 -4.40
CA CYS A 208 13.29 7.70 -3.64
C CYS A 208 12.26 8.53 -4.39
N LEU A 209 12.43 8.66 -5.72
CA LEU A 209 11.46 9.40 -6.52
C LEU A 209 10.12 8.66 -6.59
N CYS A 210 10.15 7.34 -6.69
CA CYS A 210 8.91 6.57 -6.71
C CYS A 210 8.15 6.72 -5.40
N SER A 211 8.87 6.74 -4.27
CA SER A 211 8.22 6.93 -2.98
C SER A 211 7.56 8.30 -2.90
N VAL A 212 8.22 9.33 -3.44
CA VAL A 212 7.62 10.66 -3.50
C VAL A 212 6.40 10.63 -4.42
N ALA A 213 6.46 9.83 -5.48
CA ALA A 213 5.32 9.71 -6.38
C ALA A 213 4.12 9.08 -5.70
N GLN A 214 4.35 8.14 -4.77
CA GLN A 214 3.25 7.48 -4.09
C GLN A 214 2.45 8.48 -3.26
N VAL A 215 3.07 9.55 -2.77
CA VAL A 215 2.36 10.55 -1.99
C VAL A 215 1.26 11.19 -2.83
N PHE A 216 1.53 11.41 -4.11
CA PHE A 216 0.54 11.99 -5.01
C PHE A 216 -0.42 10.95 -5.59
N ILE A 217 -0.25 9.67 -5.25
CA ILE A 217 -1.08 8.60 -5.78
C ILE A 217 -2.08 8.10 -4.75
N LEU A 218 -1.62 7.88 -3.52
CA LEU A 218 -2.44 7.22 -2.51
C LEU A 218 -3.64 8.04 -2.09
N GLY A 219 -3.55 9.37 -2.14
CA GLY A 219 -4.65 10.22 -1.75
C GLY A 219 -5.66 10.53 -2.84
N LEU A 220 -5.40 10.08 -4.07
CA LEU A 220 -6.24 10.36 -5.23
C LEU A 220 -7.53 9.53 -5.32
N PRO A 221 -7.55 8.24 -4.96
CA PRO A 221 -8.75 7.42 -5.24
C PRO A 221 -10.05 8.00 -4.69
N SER A 222 -10.03 8.58 -3.49
CA SER A 222 -11.25 9.16 -2.95
C SER A 222 -11.67 10.41 -3.72
N ARG A 223 -10.70 11.19 -4.20
CA ARG A 223 -11.04 12.42 -4.92
C ARG A 223 -11.53 12.14 -6.33
N ILE A 224 -10.93 11.17 -7.01
CA ILE A 224 -11.29 10.89 -8.41
C ILE A 224 -12.74 10.43 -8.49
N ALA A 225 -13.16 9.53 -7.60
CA ALA A 225 -14.52 9.04 -7.63
C ALA A 225 -15.52 10.16 -7.34
N SER A 226 -15.20 11.05 -6.39
CA SER A 226 -16.10 12.12 -6.02
C SER A 226 -16.14 13.25 -7.03
N VAL A 227 -15.26 13.26 -8.01
CA VAL A 227 -15.18 14.34 -8.99
C VAL A 227 -15.70 13.91 -10.36
N TRP A 228 -15.47 12.65 -10.74
CA TRP A 228 -15.79 12.19 -12.08
C TRP A 228 -17.01 11.28 -12.16
N PHE A 229 -17.44 10.68 -11.06
CA PHE A 229 -18.45 9.64 -11.10
C PHE A 229 -19.73 10.09 -10.41
N GLY A 230 -20.86 9.58 -10.90
CA GLY A 230 -22.15 9.91 -10.38
C GLY A 230 -22.39 9.32 -9.01
N PRO A 231 -23.47 9.75 -8.34
CA PRO A 231 -23.65 9.39 -6.92
C PRO A 231 -23.72 7.89 -6.66
N LYS A 232 -24.31 7.12 -7.59
CA LYS A 232 -24.46 5.69 -7.34
C LYS A 232 -23.15 4.94 -7.47
N GLU A 233 -22.23 5.44 -8.29
CA GLU A 233 -21.00 4.71 -8.60
C GLU A 233 -19.76 5.28 -7.90
N VAL A 234 -19.94 6.15 -6.90
CA VAL A 234 -18.79 6.66 -6.17
C VAL A 234 -18.10 5.55 -5.39
N SER A 235 -18.89 4.70 -4.72
CA SER A 235 -18.30 3.67 -3.87
C SER A 235 -17.50 2.66 -4.67
N THR A 236 -18.04 2.22 -5.81
CA THR A 236 -17.34 1.21 -6.61
C THR A 236 -16.14 1.82 -7.34
N ALA A 237 -16.28 3.07 -7.79
CA ALA A 237 -15.15 3.73 -8.45
C ALA A 237 -14.00 3.95 -7.48
N CYS A 238 -14.31 4.35 -6.24
CA CYS A 238 -13.27 4.47 -5.23
C CYS A 238 -12.64 3.12 -4.91
N ALA A 239 -13.47 2.08 -4.81
CA ALA A 239 -12.95 0.75 -4.51
C ALA A 239 -12.07 0.23 -5.63
N THR A 240 -12.43 0.50 -6.88
CA THR A 240 -11.64 0.03 -8.02
C THR A 240 -10.24 0.64 -8.00
N ALA A 241 -10.14 1.93 -7.68
CA ALA A 241 -8.83 2.59 -7.68
C ALA A 241 -7.91 2.01 -6.61
N VAL A 242 -8.44 1.75 -5.41
CA VAL A 242 -7.62 1.16 -4.36
C VAL A 242 -7.23 -0.27 -4.74
N LEU A 243 -8.17 -1.03 -5.31
CA LEU A 243 -7.85 -2.38 -5.74
C LEU A 243 -6.79 -2.39 -6.84
N GLY A 244 -6.75 -1.34 -7.66
CA GLY A 244 -5.68 -1.21 -8.64
C GLY A 244 -4.32 -1.08 -7.98
N ASN A 245 -4.26 -0.40 -6.83
CA ASN A 245 -3.01 -0.31 -6.09
C ASN A 245 -2.67 -1.65 -5.43
N GLN A 246 -3.67 -2.34 -4.89
CA GLN A 246 -3.42 -3.66 -4.31
C GLN A 246 -3.07 -4.69 -5.37
N LEU A 247 -3.65 -4.57 -6.56
CA LEU A 247 -3.29 -5.46 -7.65
C LEU A 247 -1.84 -5.26 -8.09
N GLY A 248 -1.30 -4.06 -7.91
CA GLY A 248 0.10 -3.84 -8.21
C GLY A 248 1.02 -4.63 -7.31
N THR A 249 0.69 -4.72 -6.03
CA THR A 249 1.47 -5.54 -5.11
C THR A 249 1.37 -7.01 -5.48
N ALA A 250 0.18 -7.46 -5.90
CA ALA A 250 0.02 -8.84 -6.33
C ALA A 250 0.91 -9.16 -7.52
N VAL A 251 0.95 -8.28 -8.52
CA VAL A 251 1.87 -8.45 -9.63
C VAL A 251 3.31 -8.27 -9.16
N GLY A 252 3.53 -7.34 -8.23
CA GLY A 252 4.87 -7.12 -7.71
C GLY A 252 5.41 -8.30 -6.94
N PHE A 253 4.53 -9.12 -6.36
CA PHE A 253 4.98 -10.33 -5.69
C PHE A 253 5.32 -11.42 -6.68
N LEU A 254 4.54 -11.54 -7.76
CA LEU A 254 4.59 -12.72 -8.63
C LEU A 254 5.61 -12.59 -9.75
N LEU A 255 5.75 -11.41 -10.35
CA LEU A 255 6.55 -11.25 -11.56
C LEU A 255 8.06 -11.24 -11.32
N PRO A 256 8.58 -10.47 -10.36
CA PRO A 256 10.04 -10.39 -10.19
C PRO A 256 10.69 -11.75 -9.96
N PRO A 257 10.10 -12.65 -9.17
CA PRO A 257 10.69 -14.00 -9.08
C PRO A 257 10.72 -14.73 -10.41
N VAL A 258 9.71 -14.52 -11.26
CA VAL A 258 9.68 -15.15 -12.56
C VAL A 258 10.67 -14.49 -13.51
N LEU A 259 10.69 -13.16 -13.52
CA LEU A 259 11.56 -12.44 -14.46
C LEU A 259 13.04 -12.58 -14.09
N VAL A 260 13.36 -12.55 -12.81
CA VAL A 260 14.73 -12.55 -12.34
C VAL A 260 14.96 -13.82 -11.52
N PRO A 261 15.56 -14.84 -12.12
CA PRO A 261 16.02 -15.99 -11.32
C PRO A 261 17.28 -15.62 -10.55
N ASN A 262 17.67 -16.51 -9.64
CA ASN A 262 18.85 -16.27 -8.82
C ASN A 262 20.08 -16.09 -9.70
N THR A 263 20.50 -17.16 -10.37
CA THR A 263 21.63 -17.16 -11.31
C THR A 263 22.81 -16.35 -10.76
N GLN A 264 23.12 -16.58 -9.48
CA GLN A 264 24.15 -15.79 -8.82
C GLN A 264 25.55 -16.13 -9.30
N ASN A 265 25.74 -17.28 -9.93
CA ASN A 265 27.03 -17.67 -10.48
C ASN A 265 27.21 -17.20 -11.92
N ASP A 266 26.29 -16.40 -12.44
CA ASP A 266 26.42 -15.81 -13.77
C ASP A 266 25.87 -14.39 -13.67
N THR A 267 26.77 -13.43 -13.44
CA THR A 267 26.35 -12.06 -13.21
C THR A 267 25.93 -11.35 -14.50
N ASN A 268 26.55 -11.71 -15.64
CA ASN A 268 26.15 -11.10 -16.91
C ASN A 268 24.73 -11.45 -17.28
N LEU A 269 24.36 -12.73 -17.11
CA LEU A 269 22.98 -13.14 -17.37
C LEU A 269 22.04 -12.57 -16.31
N LEU A 270 22.49 -12.47 -15.07
CA LEU A 270 21.66 -11.88 -14.02
C LEU A 270 21.39 -10.40 -14.31
N ALA A 271 22.39 -9.68 -14.81
CA ALA A 271 22.21 -8.26 -15.08
C ALA A 271 21.20 -8.03 -16.21
N CYS A 272 21.16 -8.91 -17.20
CA CYS A 272 20.22 -8.75 -18.30
C CYS A 272 18.78 -8.88 -17.82
N ASN A 273 18.51 -9.84 -16.93
CA ASN A 273 17.15 -10.01 -16.44
C ASN A 273 16.68 -8.82 -15.63
N ILE A 274 17.55 -8.27 -14.79
CA ILE A 274 17.18 -7.12 -13.97
C ILE A 274 16.90 -5.91 -14.86
N SER A 275 17.74 -5.69 -15.86
CA SER A 275 17.52 -4.57 -16.77
C SER A 275 16.24 -4.75 -17.57
N THR A 276 15.89 -5.99 -17.94
CA THR A 276 14.66 -6.24 -18.67
C THR A 276 13.44 -5.85 -17.83
N MET A 277 13.44 -6.20 -16.55
CA MET A 277 12.35 -5.80 -15.67
C MET A 277 12.29 -4.28 -15.52
N PHE A 278 13.45 -3.64 -15.33
CA PHE A 278 13.48 -2.19 -15.20
C PHE A 278 13.06 -1.51 -16.49
N TYR A 279 13.56 -2.00 -17.64
CA TYR A 279 13.17 -1.43 -18.92
C TYR A 279 11.68 -1.58 -19.16
N GLY A 280 11.13 -2.74 -18.84
CA GLY A 280 9.69 -2.94 -18.99
C GLY A 280 8.88 -2.05 -18.07
N THR A 281 9.34 -1.88 -16.83
CA THR A 281 8.61 -1.05 -15.88
C THR A 281 8.61 0.41 -16.32
N SER A 282 9.76 0.91 -16.78
CA SER A 282 9.83 2.31 -17.20
C SER A 282 9.01 2.54 -18.46
N ALA A 283 9.04 1.59 -19.41
CA ALA A 283 8.28 1.76 -20.64
C ALA A 283 6.79 1.83 -20.36
N VAL A 284 6.28 0.97 -19.48
CA VAL A 284 4.87 1.03 -19.11
C VAL A 284 4.57 2.33 -18.38
N ALA A 285 5.45 2.75 -17.48
CA ALA A 285 5.23 3.99 -16.74
C ALA A 285 5.27 5.20 -17.66
N THR A 286 6.17 5.18 -18.65
CA THR A 286 6.26 6.29 -19.60
C THR A 286 4.97 6.43 -20.40
N LEU A 287 4.41 5.31 -20.86
CA LEU A 287 3.18 5.37 -21.63
C LEU A 287 2.03 5.91 -20.80
N LEU A 288 1.94 5.50 -19.54
CA LEU A 288 0.89 6.00 -18.66
C LEU A 288 1.07 7.48 -18.35
N PHE A 289 2.32 7.94 -18.23
CA PHE A 289 2.55 9.37 -18.06
C PHE A 289 2.12 10.14 -19.30
N ILE A 290 2.41 9.59 -20.49
CA ILE A 290 1.97 10.23 -21.73
C ILE A 290 0.45 10.29 -21.79
N LEU A 291 -0.21 9.19 -21.42
CA LEU A 291 -1.67 9.17 -21.40
C LEU A 291 -2.21 10.16 -20.37
N THR A 292 -1.56 10.26 -19.21
CA THR A 292 -1.99 11.20 -18.19
C THR A 292 -1.89 12.63 -18.68
N ALA A 293 -0.82 12.96 -19.40
CA ALA A 293 -0.68 14.31 -19.93
C ALA A 293 -1.67 14.61 -21.05
N ILE A 294 -2.30 13.58 -21.61
CA ILE A 294 -3.23 13.75 -22.73
C ILE A 294 -4.68 13.64 -22.28
N ALA A 295 -5.03 12.58 -21.57
CA ALA A 295 -6.43 12.27 -21.29
C ALA A 295 -6.89 12.71 -19.91
N PHE A 296 -5.99 12.87 -18.95
CA PHE A 296 -6.40 13.21 -17.59
C PHE A 296 -6.82 14.67 -17.50
N LYS A 297 -8.08 14.96 -17.79
CA LYS A 297 -8.60 16.31 -17.70
C LYS A 297 -8.73 16.72 -16.23
N GLU A 298 -8.72 18.04 -16.00
CA GLU A 298 -8.85 18.55 -14.64
C GLU A 298 -10.19 18.21 -14.04
N LYS A 299 -11.27 18.38 -14.80
CA LYS A 299 -12.62 18.12 -14.32
C LYS A 299 -13.52 17.90 -15.53
N PRO A 300 -14.65 17.23 -15.35
CA PRO A 300 -15.60 17.08 -16.46
C PRO A 300 -16.22 18.41 -16.84
N ARG A 301 -16.88 18.41 -18.01
CA ARG A 301 -17.56 19.62 -18.47
C ARG A 301 -18.68 20.02 -17.52
N TYR A 302 -19.41 19.04 -17.00
CA TYR A 302 -20.46 19.26 -16.02
C TYR A 302 -20.23 18.35 -14.83
N PRO A 303 -20.65 18.77 -13.63
CA PRO A 303 -20.51 17.93 -12.45
C PRO A 303 -21.31 16.64 -12.61
N PRO A 304 -20.79 15.52 -12.11
CA PRO A 304 -21.54 14.26 -12.24
C PRO A 304 -22.60 14.05 -11.16
N SER A 305 -22.46 14.70 -10.01
CA SER A 305 -23.37 14.48 -8.89
C SER A 305 -23.85 15.82 -8.36
N GLN A 306 -25.01 15.79 -7.68
CA GLN A 306 -25.58 17.00 -7.10
C GLN A 306 -24.67 17.56 -6.02
N ALA A 307 -24.08 16.70 -5.20
CA ALA A 307 -23.19 17.16 -4.14
C ALA A 307 -21.96 17.84 -4.72
N GLN A 308 -21.43 17.37 -5.85
CA GLN A 308 -20.20 18.05 -6.32
C GLN A 308 -20.57 19.39 -6.94
N ALA A 309 -21.77 19.51 -7.52
CA ALA A 309 -22.15 20.83 -8.01
C ALA A 309 -22.21 21.85 -6.88
N ALA A 310 -22.80 21.47 -5.75
CA ALA A 310 -22.86 22.37 -4.61
C ALA A 310 -21.48 22.62 -4.03
N LEU A 311 -20.64 21.57 -3.97
CA LEU A 311 -19.30 21.72 -3.40
C LEU A 311 -18.40 22.54 -4.31
N GLN A 312 -18.67 22.53 -5.62
CA GLN A 312 -17.82 23.27 -6.56
C GLN A 312 -17.88 24.78 -6.31
N ASP A 313 -19.00 25.28 -5.80
CA ASP A 313 -19.16 26.71 -5.58
C ASP A 313 -18.48 27.21 -4.32
N SER A 314 -18.01 26.30 -3.45
CA SER A 314 -17.39 26.70 -2.20
C SER A 314 -15.88 26.67 -2.33
N PRO A 315 -15.20 27.79 -2.17
CA PRO A 315 -13.73 27.79 -2.21
C PRO A 315 -13.15 27.11 -0.99
N PRO A 316 -12.17 26.22 -1.18
CA PRO A 316 -11.58 25.50 -0.04
C PRO A 316 -10.41 26.20 0.64
N GLU A 317 -10.17 27.48 0.37
CA GLU A 317 -9.04 28.18 0.97
C GLU A 317 -9.22 28.44 2.46
N GLU A 318 -10.42 28.22 3.01
CA GLU A 318 -10.66 28.44 4.43
C GLU A 318 -10.17 27.30 5.31
N TYR A 319 -9.74 26.19 4.71
CA TYR A 319 -9.30 25.05 5.49
C TYR A 319 -7.96 25.33 6.18
N SER A 320 -7.75 24.67 7.31
CA SER A 320 -6.52 24.81 8.08
C SER A 320 -6.09 23.45 8.57
N TYR A 321 -4.92 22.99 8.13
CA TYR A 321 -4.44 21.66 8.47
C TYR A 321 -3.91 21.59 9.90
N LYS A 322 -3.35 22.69 10.41
CA LYS A 322 -2.85 22.69 11.79
C LYS A 322 -3.97 22.47 12.78
N LYS A 323 -5.13 23.08 12.54
CA LYS A 323 -6.27 22.90 13.43
C LYS A 323 -6.84 21.50 13.33
N SER A 324 -6.82 20.91 12.12
CA SER A 324 -7.41 19.59 11.94
C SER A 324 -6.61 18.51 12.65
N ILE A 325 -5.29 18.52 12.48
CA ILE A 325 -4.45 17.50 13.10
C ILE A 325 -4.50 17.63 14.62
N ARG A 326 -4.45 18.86 15.12
CA ARG A 326 -4.50 19.08 16.57
C ARG A 326 -5.83 18.65 17.15
N ASN A 327 -6.92 18.83 16.40
CA ASN A 327 -8.24 18.46 16.91
C ASN A 327 -8.48 16.96 16.86
N LEU A 328 -7.71 16.22 16.06
CA LEU A 328 -7.90 14.77 15.97
C LEU A 328 -7.21 14.02 17.08
N PHE A 329 -6.23 14.63 17.75
CA PHE A 329 -5.56 13.99 18.88
C PHE A 329 -6.21 14.31 20.22
N LYS A 330 -7.17 15.24 20.25
CA LYS A 330 -7.84 15.56 21.51
C LYS A 330 -8.80 14.45 21.93
N ASN A 331 -9.56 13.92 20.96
CA ASN A 331 -10.49 12.84 21.27
C ASN A 331 -9.73 11.51 21.31
N ILE A 332 -9.83 10.81 22.43
CA ILE A 332 -9.09 9.57 22.66
C ILE A 332 -9.58 8.39 21.82
N PRO A 333 -10.87 8.27 21.46
CA PRO A 333 -11.25 7.10 20.64
C PRO A 333 -10.51 7.02 19.31
N PHE A 334 -10.25 8.16 18.67
CA PHE A 334 -9.54 8.13 17.38
C PHE A 334 -8.07 7.82 17.55
N VAL A 335 -7.46 8.26 18.66
CA VAL A 335 -6.04 8.00 18.86
C VAL A 335 -5.77 6.50 18.97
N LEU A 336 -6.63 5.78 19.69
CA LEU A 336 -6.48 4.33 19.80
C LEU A 336 -6.62 3.67 18.43
N LEU A 337 -7.62 4.09 17.65
CA LEU A 337 -7.81 3.52 16.32
C LEU A 337 -6.65 3.85 15.40
N LEU A 338 -6.05 5.04 15.57
CA LEU A 338 -4.87 5.38 14.78
C LEU A 338 -3.71 4.44 15.09
N ILE A 339 -3.70 3.85 16.29
CA ILE A 339 -2.62 2.93 16.66
C ILE A 339 -2.94 1.51 16.20
N THR A 340 -4.19 1.06 16.40
CA THR A 340 -4.57 -0.28 15.99
C THR A 340 -4.48 -0.43 14.47
N TYR A 341 -4.91 0.58 13.72
CA TYR A 341 -4.80 0.52 12.26
C TYR A 341 -3.34 0.52 11.82
N GLY A 342 -2.50 1.29 12.50
CA GLY A 342 -1.09 1.30 12.18
C GLY A 342 -0.43 -0.04 12.45
N ILE A 343 -0.78 -0.68 13.56
CA ILE A 343 -0.24 -2.01 13.86
C ILE A 343 -0.71 -3.02 12.82
N MET A 344 -1.99 -2.97 12.46
CA MET A 344 -2.52 -3.94 11.48
C MET A 344 -1.89 -3.73 10.11
N THR A 345 -1.85 -2.48 9.64
CA THR A 345 -1.27 -2.22 8.32
C THR A 345 0.25 -2.30 8.35
N GLY A 346 0.86 -1.89 9.45
CA GLY A 346 2.31 -1.99 9.57
C GLY A 346 2.79 -3.43 9.55
N ALA A 347 2.02 -4.33 10.16
CA ALA A 347 2.35 -5.75 10.12
C ALA A 347 2.34 -6.28 8.69
N PHE A 348 1.37 -5.82 7.88
CA PHE A 348 1.32 -6.22 6.48
C PHE A 348 2.56 -5.74 5.72
N TYR A 349 3.00 -4.50 5.98
CA TYR A 349 4.20 -4.00 5.33
C TYR A 349 5.44 -4.76 5.78
N SER A 350 5.52 -5.07 7.07
CA SER A 350 6.68 -5.80 7.59
C SER A 350 6.75 -7.21 7.01
N VAL A 351 5.62 -7.90 6.94
CA VAL A 351 5.61 -9.25 6.36
C VAL A 351 5.94 -9.20 4.89
N SER A 352 5.35 -8.27 4.15
CA SER A 352 5.58 -8.19 2.71
C SER A 352 7.04 -7.86 2.41
N THR A 353 7.63 -6.92 3.15
CA THR A 353 9.03 -6.56 2.91
C THR A 353 9.97 -7.73 3.22
N LEU A 354 9.69 -8.47 4.29
CA LEU A 354 10.57 -9.53 4.75
C LEU A 354 10.08 -10.92 4.36
N LEU A 355 9.11 -11.02 3.46
CA LEU A 355 8.56 -12.33 3.09
C LEU A 355 9.63 -13.21 2.45
N ASN A 356 10.52 -12.64 1.64
CA ASN A 356 11.56 -13.44 1.00
C ASN A 356 12.52 -14.01 2.05
N GLN A 357 12.84 -13.23 3.08
CA GLN A 357 13.83 -13.66 4.05
C GLN A 357 13.32 -14.84 4.89
N MET A 358 12.06 -14.80 5.31
CA MET A 358 11.53 -15.88 6.12
C MET A 358 11.31 -17.16 5.30
N ILE A 359 10.87 -17.01 4.05
CA ILE A 359 10.60 -18.19 3.23
C ILE A 359 11.89 -18.86 2.82
N LEU A 360 12.92 -18.09 2.47
CA LEU A 360 14.10 -18.65 1.83
C LEU A 360 14.97 -19.44 2.82
N THR A 361 14.93 -19.09 4.11
CA THR A 361 15.79 -19.78 5.06
C THR A 361 15.32 -21.21 5.31
N TYR A 362 14.00 -21.44 5.29
CA TYR A 362 13.47 -22.79 5.44
C TYR A 362 13.39 -23.54 4.12
N TYR A 363 12.99 -22.86 3.05
CA TYR A 363 12.85 -23.46 1.72
C TYR A 363 13.91 -22.81 0.82
N GLU A 364 15.05 -23.47 0.68
CA GLU A 364 16.15 -22.94 -0.10
C GLU A 364 15.87 -23.14 -1.60
N GLY A 365 15.95 -22.05 -2.35
CA GLY A 365 15.73 -22.10 -3.78
C GLY A 365 14.28 -21.98 -4.22
N GLU A 366 13.36 -21.69 -3.30
CA GLU A 366 11.94 -21.53 -3.61
C GLU A 366 11.53 -20.07 -3.65
N GLU A 367 12.36 -19.19 -4.22
CA GLU A 367 12.00 -17.78 -4.31
C GLU A 367 10.82 -17.58 -5.27
N VAL A 368 10.66 -18.46 -6.26
CA VAL A 368 9.49 -18.37 -7.13
C VAL A 368 8.22 -18.66 -6.35
N ASN A 369 8.26 -19.69 -5.48
CA ASN A 369 7.10 -20.00 -4.65
C ASN A 369 6.82 -18.90 -3.65
N ALA A 370 7.85 -18.19 -3.18
CA ALA A 370 7.63 -17.07 -2.28
C ALA A 370 6.81 -15.97 -2.95
N GLY A 371 6.95 -15.81 -4.27
CA GLY A 371 6.13 -14.85 -4.97
C GLY A 371 4.67 -15.24 -5.00
N ARG A 372 4.38 -16.51 -5.27
CA ARG A 372 2.99 -16.96 -5.29
C ARG A 372 2.36 -16.91 -3.90
N ILE A 373 3.15 -17.15 -2.85
CA ILE A 373 2.66 -16.95 -1.49
C ILE A 373 2.32 -15.48 -1.27
N GLY A 374 3.18 -14.58 -1.74
CA GLY A 374 2.86 -13.17 -1.66
C GLY A 374 1.64 -12.79 -2.46
N LEU A 375 1.49 -13.40 -3.65
CA LEU A 375 0.29 -13.17 -4.45
C LEU A 375 -0.95 -13.66 -3.71
N THR A 376 -0.89 -14.86 -3.12
CA THR A 376 -2.01 -15.38 -2.36
C THR A 376 -2.28 -14.52 -1.13
N LEU A 377 -1.23 -14.04 -0.47
CA LEU A 377 -1.39 -13.22 0.72
C LEU A 377 -2.14 -11.92 0.45
N VAL A 378 -2.12 -11.42 -0.80
CA VAL A 378 -2.75 -10.16 -1.12
C VAL A 378 -3.96 -10.32 -2.03
N VAL A 379 -4.00 -11.35 -2.88
CA VAL A 379 -5.20 -11.60 -3.67
C VAL A 379 -6.35 -12.01 -2.77
N ALA A 380 -6.08 -12.85 -1.77
CA ALA A 380 -7.11 -13.20 -0.80
C ALA A 380 -7.60 -11.98 -0.04
N GLY A 381 -6.69 -11.05 0.26
CA GLY A 381 -7.09 -9.81 0.90
C GLY A 381 -8.01 -8.97 0.03
N MET A 382 -7.76 -8.99 -1.28
CA MET A 382 -8.66 -8.30 -2.21
C MET A 382 -10.06 -8.92 -2.15
N VAL A 383 -10.14 -10.24 -2.06
CA VAL A 383 -11.43 -10.91 -1.87
C VAL A 383 -12.03 -10.52 -0.52
N GLY A 384 -11.19 -10.50 0.52
CA GLY A 384 -11.69 -10.11 1.84
C GLY A 384 -12.14 -8.65 1.87
N SER A 385 -11.39 -7.77 1.20
CA SER A 385 -11.76 -6.37 1.17
C SER A 385 -13.10 -6.15 0.48
N ILE A 386 -13.35 -6.87 -0.62
CA ILE A 386 -14.65 -6.78 -1.29
C ILE A 386 -15.74 -7.33 -0.40
N LEU A 387 -15.50 -8.49 0.22
CA LEU A 387 -16.49 -9.07 1.11
C LEU A 387 -16.71 -8.21 2.35
N CYS A 388 -15.66 -7.59 2.87
CA CYS A 388 -15.80 -6.74 4.05
C CYS A 388 -16.73 -5.56 3.78
N GLY A 389 -16.58 -4.93 2.62
CA GLY A 389 -17.44 -3.80 2.29
C GLY A 389 -18.91 -4.18 2.28
N LEU A 390 -19.22 -5.36 1.76
CA LEU A 390 -20.61 -5.82 1.75
C LEU A 390 -21.01 -6.39 3.11
N TRP A 391 -20.05 -6.53 4.03
CA TRP A 391 -20.30 -7.16 5.32
C TRP A 391 -20.77 -6.15 6.37
N LEU A 392 -20.26 -4.92 6.34
CA LEU A 392 -20.45 -3.99 7.44
C LEU A 392 -21.91 -3.59 7.58
N ASP A 393 -22.53 -3.15 6.49
CA ASP A 393 -23.93 -2.76 6.55
C ASP A 393 -24.84 -3.93 6.18
N TYR A 394 -24.56 -5.11 6.75
CA TYR A 394 -25.45 -6.24 6.53
C TYR A 394 -25.76 -7.03 7.80
N THR A 395 -24.86 -7.07 8.79
CA THR A 395 -25.11 -7.91 9.96
C THR A 395 -24.90 -7.19 11.29
N LYS A 396 -23.86 -6.36 11.39
CA LYS A 396 -23.38 -5.91 12.68
C LYS A 396 -22.95 -4.44 12.63
N THR A 397 -22.31 -4.00 13.71
CA THR A 397 -21.83 -2.64 13.87
C THR A 397 -20.34 -2.56 13.54
N TYR A 398 -19.82 -1.33 13.48
CA TYR A 398 -18.41 -1.14 13.16
C TYR A 398 -17.50 -1.66 14.26
N LYS A 399 -17.86 -1.41 15.53
CA LYS A 399 -17.00 -1.81 16.63
C LYS A 399 -16.89 -3.33 16.74
N GLN A 400 -18.02 -4.03 16.68
CA GLN A 400 -17.99 -5.48 16.79
C GLN A 400 -17.26 -6.12 15.62
N THR A 401 -17.51 -5.63 14.40
CA THR A 401 -16.87 -6.21 13.22
C THR A 401 -15.36 -5.99 13.24
N THR A 402 -14.91 -4.80 13.65
CA THR A 402 -13.49 -4.52 13.63
C THR A 402 -12.74 -5.30 14.71
N LEU A 403 -13.42 -5.67 15.79
CA LEU A 403 -12.79 -6.49 16.82
C LEU A 403 -12.67 -7.94 16.38
N ILE A 404 -13.71 -8.47 15.74
CA ILE A 404 -13.68 -9.86 15.29
C ILE A 404 -12.62 -10.07 14.22
N VAL A 405 -12.53 -9.14 13.27
CA VAL A 405 -11.53 -9.25 12.21
C VAL A 405 -10.13 -9.14 12.80
N TYR A 406 -9.94 -8.22 13.75
CA TYR A 406 -8.63 -8.08 14.40
C TYR A 406 -8.28 -9.33 15.20
N ILE A 407 -9.25 -9.91 15.90
CA ILE A 407 -9.00 -11.15 16.63
C ILE A 407 -8.62 -12.27 15.67
N LEU A 408 -9.37 -12.41 14.58
CA LEU A 408 -9.07 -13.44 13.58
C LEU A 408 -7.76 -13.15 12.87
N SER A 409 -7.42 -11.88 12.68
CA SER A 409 -6.14 -11.54 12.06
C SER A 409 -4.97 -11.93 12.96
N PHE A 410 -5.12 -11.74 14.27
CA PHE A 410 -4.07 -12.17 15.20
C PHE A 410 -3.88 -13.67 15.15
N ILE A 411 -4.98 -14.43 15.11
CA ILE A 411 -4.87 -15.87 14.95
C ILE A 411 -4.26 -16.21 13.60
N GLY A 412 -4.39 -15.31 12.63
CA GLY A 412 -3.85 -15.57 11.30
C GLY A 412 -2.35 -15.83 11.30
N MET A 413 -1.59 -14.97 12.00
CA MET A 413 -0.14 -15.19 12.03
C MET A 413 0.28 -16.18 13.11
N VAL A 414 -0.55 -16.41 14.13
CA VAL A 414 -0.20 -17.40 15.13
C VAL A 414 -0.05 -18.77 14.49
N ILE A 415 -0.99 -19.13 13.60
CA ILE A 415 -0.82 -20.32 12.79
C ILE A 415 0.31 -20.13 11.79
N PHE A 416 0.40 -18.94 11.20
CA PHE A 416 1.43 -18.68 10.20
C PHE A 416 2.83 -18.73 10.82
N THR A 417 2.98 -18.22 12.04
CA THR A 417 4.28 -18.26 12.71
C THR A 417 4.73 -19.69 12.95
N PHE A 418 3.82 -20.56 13.39
CA PHE A 418 4.15 -21.92 13.78
C PHE A 418 3.88 -22.94 12.68
N THR A 419 3.84 -22.50 11.42
CA THR A 419 3.73 -23.40 10.29
C THR A 419 4.87 -23.27 9.28
N LEU A 420 5.67 -22.20 9.36
CA LEU A 420 6.84 -22.10 8.50
C LEU A 420 7.84 -23.21 8.79
N ASP A 421 8.04 -23.53 10.06
CA ASP A 421 9.02 -24.54 10.45
C ASP A 421 8.61 -25.94 10.00
N LEU A 422 7.35 -26.15 9.63
CA LEU A 422 6.86 -27.48 9.29
C LEU A 422 7.49 -28.03 8.00
N ARG A 423 8.18 -27.20 7.23
CA ARG A 423 8.88 -27.60 6.02
C ARG A 423 7.94 -28.13 4.93
N TYR A 424 6.67 -27.75 4.97
CA TYR A 424 5.70 -28.09 3.93
C TYR A 424 5.28 -26.81 3.24
N ILE A 425 5.56 -26.71 1.94
CA ILE A 425 5.31 -25.48 1.21
C ILE A 425 3.81 -25.26 1.03
N ILE A 426 3.03 -26.34 0.95
CA ILE A 426 1.58 -26.20 0.75
C ILE A 426 0.95 -25.47 1.92
N ILE A 427 1.44 -25.73 3.13
CA ILE A 427 0.83 -25.18 4.38
C ILE A 427 1.05 -23.67 4.44
N VAL A 428 2.16 -23.20 3.89
CA VAL A 428 2.42 -21.77 3.87
C VAL A 428 1.45 -21.06 2.93
N PHE A 429 1.06 -21.71 1.85
CA PHE A 429 0.07 -21.13 0.94
C PHE A 429 -1.26 -20.91 1.64
N VAL A 430 -1.76 -21.93 2.32
CA VAL A 430 -3.06 -21.83 2.97
C VAL A 430 -3.00 -20.88 4.15
N THR A 431 -1.99 -21.03 5.01
CA THR A 431 -1.87 -20.14 6.17
C THR A 431 -1.61 -18.70 5.75
N GLY A 432 -0.81 -18.50 4.70
CA GLY A 432 -0.59 -17.16 4.19
C GLY A 432 -1.87 -16.54 3.64
N GLY A 433 -2.67 -17.34 2.94
CA GLY A 433 -3.93 -16.83 2.43
C GLY A 433 -4.92 -16.51 3.53
N VAL A 434 -5.02 -17.38 4.53
CA VAL A 434 -5.92 -17.13 5.66
C VAL A 434 -5.46 -15.90 6.43
N LEU A 435 -4.15 -15.80 6.67
CA LEU A 435 -3.61 -14.60 7.33
C LEU A 435 -3.83 -13.36 6.46
N GLY A 436 -3.60 -13.49 5.16
CA GLY A 436 -3.82 -12.37 4.25
C GLY A 436 -5.28 -12.02 4.07
N PHE A 437 -6.18 -12.98 4.27
CA PHE A 437 -7.60 -12.67 4.17
C PHE A 437 -8.04 -11.65 5.22
N PHE A 438 -7.36 -11.63 6.36
CA PHE A 438 -7.71 -10.74 7.45
C PHE A 438 -6.71 -9.60 7.67
N MET A 439 -5.44 -9.79 7.30
CA MET A 439 -4.47 -8.71 7.48
C MET A 439 -4.81 -7.51 6.59
N THR A 440 -4.98 -7.74 5.29
CA THR A 440 -5.34 -6.68 4.37
C THR A 440 -6.82 -6.63 4.05
N GLY A 441 -7.62 -7.50 4.67
CA GLY A 441 -9.05 -7.30 4.69
C GLY A 441 -9.52 -6.36 5.78
N TYR A 442 -8.60 -5.90 6.62
CA TYR A 442 -8.91 -4.97 7.69
C TYR A 442 -8.80 -3.51 7.25
N LEU A 443 -8.01 -3.23 6.21
CA LEU A 443 -7.85 -1.85 5.77
C LEU A 443 -9.17 -1.19 5.37
N PRO A 444 -10.08 -1.82 4.64
CA PRO A 444 -11.42 -1.23 4.50
C PRO A 444 -12.10 -0.99 5.83
N LEU A 445 -11.93 -1.90 6.79
CA LEU A 445 -12.49 -1.68 8.13
C LEU A 445 -11.84 -0.51 8.84
N GLY A 446 -10.51 -0.36 8.71
CA GLY A 446 -9.83 0.73 9.38
C GLY A 446 -10.26 2.09 8.86
N PHE A 447 -10.38 2.23 7.54
CA PHE A 447 -10.71 3.52 6.97
C PHE A 447 -12.16 3.91 7.22
N GLU A 448 -13.09 2.98 7.01
CA GLU A 448 -14.50 3.29 7.19
C GLU A 448 -14.85 3.54 8.66
N PHE A 449 -14.20 2.83 9.58
CA PHE A 449 -14.45 3.08 11.00
C PHE A 449 -13.99 4.47 11.41
N ALA A 450 -12.84 4.90 10.90
CA ALA A 450 -12.29 6.19 11.31
C ALA A 450 -13.11 7.35 10.75
N VAL A 451 -13.50 7.27 9.47
CA VAL A 451 -14.22 8.38 8.85
C VAL A 451 -15.60 8.56 9.48
N GLU A 452 -16.19 7.49 10.00
CA GLU A 452 -17.50 7.62 10.63
C GLU A 452 -17.41 8.30 11.98
N ILE A 453 -16.42 7.94 12.80
CA ILE A 453 -16.24 8.55 14.12
C ILE A 453 -15.56 9.90 14.05
N THR A 454 -15.28 10.42 12.85
CA THR A 454 -14.65 11.71 12.65
C THR A 454 -15.49 12.58 11.73
N TYR A 455 -16.80 12.61 11.98
CA TYR A 455 -17.71 13.37 11.12
C TYR A 455 -17.42 14.87 11.11
N PRO A 456 -17.29 15.57 12.25
CA PRO A 456 -17.10 17.03 12.18
C PRO A 456 -15.72 17.45 11.70
N GLU A 457 -14.88 16.52 11.24
CA GLU A 457 -13.57 16.84 10.70
C GLU A 457 -13.44 16.25 9.31
N SER A 458 -12.68 16.94 8.46
CA SER A 458 -12.55 16.54 7.07
C SER A 458 -11.83 15.19 6.97
N GLU A 459 -12.25 14.39 5.99
CA GLU A 459 -11.64 13.08 5.76
C GLU A 459 -10.25 13.17 5.14
N GLY A 460 -9.85 14.36 4.68
CA GLY A 460 -8.53 14.48 4.07
C GLY A 460 -7.40 14.26 5.06
N THR A 461 -7.56 14.76 6.28
CA THR A 461 -6.51 14.61 7.29
C THR A 461 -6.61 13.28 8.01
N SER A 462 -7.82 12.82 8.30
CA SER A 462 -7.99 11.54 8.98
C SER A 462 -7.45 10.38 8.13
N SER A 463 -7.74 10.42 6.83
CA SER A 463 -7.15 9.41 5.94
C SER A 463 -5.64 9.55 5.86
N GLY A 464 -5.14 10.79 5.88
CA GLY A 464 -3.71 10.98 5.85
C GLY A 464 -3.01 10.49 7.11
N LEU A 465 -3.61 10.74 8.27
CA LEU A 465 -3.01 10.28 9.53
C LEU A 465 -3.00 8.76 9.60
N LEU A 466 -4.08 8.11 9.17
CA LEU A 466 -4.13 6.65 9.19
C LEU A 466 -3.04 6.06 8.30
N ASN A 467 -2.87 6.62 7.09
CA ASN A 467 -1.80 6.17 6.22
C ASN A 467 -0.44 6.50 6.82
N ALA A 468 -0.29 7.68 7.40
CA ALA A 468 0.97 8.03 8.04
C ALA A 468 1.26 7.13 9.23
N SER A 469 0.22 6.76 9.98
CA SER A 469 0.40 5.84 11.10
C SER A 469 0.89 4.47 10.60
N ALA A 470 0.36 4.02 9.47
CA ALA A 470 0.81 2.75 8.90
C ALA A 470 2.27 2.84 8.47
N GLN A 471 2.70 3.96 7.90
CA GLN A 471 4.08 4.11 7.48
C GLN A 471 5.02 4.09 8.67
N ILE A 472 4.65 4.77 9.76
CA ILE A 472 5.52 4.82 10.93
C ILE A 472 5.67 3.43 11.55
N PHE A 473 4.56 2.71 11.71
CA PHE A 473 4.63 1.38 12.28
C PHE A 473 5.26 0.39 11.31
N GLY A 474 5.07 0.59 10.01
CA GLY A 474 5.71 -0.28 9.04
C GLY A 474 7.23 -0.17 9.07
N ILE A 475 7.75 1.03 9.32
CA ILE A 475 9.18 1.22 9.44
C ILE A 475 9.70 0.55 10.71
N LEU A 476 9.02 0.79 11.83
CA LEU A 476 9.47 0.22 13.10
C LEU A 476 9.40 -1.30 13.09
N PHE A 477 8.32 -1.86 12.54
CA PHE A 477 8.20 -3.31 12.48
C PHE A 477 9.26 -3.92 11.57
N THR A 478 9.50 -3.33 10.40
CA THR A 478 10.49 -3.87 9.49
C THR A 478 11.90 -3.76 10.08
N LEU A 479 12.18 -2.67 10.79
CA LEU A 479 13.48 -2.52 11.44
C LEU A 479 13.63 -3.53 12.58
N ALA A 480 12.56 -3.75 13.36
CA ALA A 480 12.64 -4.68 14.48
C ALA A 480 12.60 -6.12 14.00
N GLN A 481 11.59 -6.48 13.19
CA GLN A 481 11.48 -7.85 12.70
C GLN A 481 12.65 -8.21 11.80
N GLY A 482 13.22 -7.25 11.09
CA GLY A 482 14.39 -7.54 10.26
C GLY A 482 15.59 -7.96 11.08
N LYS A 483 15.84 -7.28 12.20
CA LYS A 483 16.97 -7.65 13.06
C LYS A 483 16.71 -8.96 13.77
N LEU A 484 15.48 -9.17 14.27
CA LEU A 484 15.17 -10.41 14.97
C LEU A 484 15.29 -11.61 14.04
N THR A 485 14.78 -11.48 12.81
CA THR A 485 14.89 -12.58 11.85
C THR A 485 16.34 -12.85 11.48
N SER A 486 17.13 -11.80 11.29
CA SER A 486 18.53 -11.96 10.90
C SER A 486 19.40 -12.46 12.05
N ASP A 487 18.91 -12.45 13.28
CA ASP A 487 19.69 -12.85 14.44
C ASP A 487 19.18 -14.12 15.11
N TYR A 488 17.89 -14.19 15.39
CA TYR A 488 17.33 -15.29 16.17
C TYR A 488 16.36 -16.15 15.36
N GLY A 489 16.31 -15.98 14.04
CA GLY A 489 15.44 -16.80 13.22
C GLY A 489 14.09 -16.15 12.96
N PRO A 490 13.41 -16.58 11.90
CA PRO A 490 12.12 -15.97 11.56
C PRO A 490 11.06 -16.14 12.63
N LYS A 491 11.13 -17.22 13.42
CA LYS A 491 10.12 -17.42 14.46
C LYS A 491 10.17 -16.31 15.50
N ALA A 492 11.38 -15.86 15.86
CA ALA A 492 11.49 -14.71 16.76
C ALA A 492 10.93 -13.45 16.13
N GLY A 493 11.16 -13.26 14.84
CA GLY A 493 10.63 -12.08 14.16
C GLY A 493 9.11 -12.11 14.06
N ASN A 494 8.54 -13.27 13.75
CA ASN A 494 7.09 -13.37 13.61
C ASN A 494 6.38 -13.27 14.96
N ILE A 495 6.98 -13.81 16.02
CA ILE A 495 6.38 -13.69 17.34
C ILE A 495 6.31 -12.22 17.76
N PHE A 496 7.28 -11.41 17.34
CA PHE A 496 7.24 -9.98 17.63
C PHE A 496 5.98 -9.34 17.07
N LEU A 497 5.58 -9.72 15.84
CA LEU A 497 4.34 -9.21 15.28
C LEU A 497 3.12 -9.77 16.00
N CYS A 498 3.17 -11.05 16.42
CA CYS A 498 2.05 -11.64 17.13
C CYS A 498 1.79 -10.93 18.44
N VAL A 499 2.86 -10.52 19.13
CA VAL A 499 2.70 -9.77 20.37
C VAL A 499 2.03 -8.43 20.11
N TRP A 500 2.42 -7.75 19.03
CA TRP A 500 1.90 -6.42 18.77
C TRP A 500 0.43 -6.42 18.37
N MET A 501 -0.04 -7.48 17.71
CA MET A 501 -1.47 -7.57 17.47
C MET A 501 -2.24 -7.87 18.75
N PHE A 502 -1.61 -8.54 19.71
CA PHE A 502 -2.26 -8.73 21.00
C PHE A 502 -2.52 -7.40 21.67
N ILE A 503 -1.59 -6.45 21.53
CA ILE A 503 -1.85 -5.09 21.96
C ILE A 503 -2.94 -4.46 21.10
N GLY A 504 -2.96 -4.77 19.80
CA GLY A 504 -3.99 -4.23 18.93
C GLY A 504 -5.39 -4.68 19.31
N ILE A 505 -5.53 -5.95 19.70
CA ILE A 505 -6.84 -6.45 20.13
C ILE A 505 -7.30 -5.71 21.39
N ILE A 506 -6.39 -5.55 22.35
CA ILE A 506 -6.76 -4.89 23.60
C ILE A 506 -7.12 -3.43 23.34
N LEU A 507 -6.32 -2.73 22.53
CA LEU A 507 -6.61 -1.33 22.23
C LEU A 507 -7.90 -1.19 21.44
N THR A 508 -8.18 -2.13 20.54
CA THR A 508 -9.42 -2.10 19.78
C THR A 508 -10.63 -2.24 20.70
N ALA A 509 -10.52 -3.08 21.73
CA ALA A 509 -11.64 -3.29 22.64
C ALA A 509 -11.94 -2.06 23.48
N LEU A 510 -10.97 -1.16 23.66
CA LEU A 510 -11.19 0.04 24.46
C LEU A 510 -11.89 1.16 23.71
N ILE A 511 -11.96 1.07 22.39
CA ILE A 511 -12.64 2.10 21.60
C ILE A 511 -14.14 2.05 21.90
N LYS A 512 -14.74 3.21 22.13
CA LYS A 512 -16.17 3.32 22.40
C LYS A 512 -16.85 3.94 21.19
N SER A 513 -17.71 3.16 20.53
CA SER A 513 -18.44 3.63 19.36
C SER A 513 -19.65 2.74 19.14
N ASP A 514 -20.65 3.30 18.46
CA ASP A 514 -21.88 2.57 18.14
C ASP A 514 -22.37 2.85 16.72
N LEU A 515 -21.55 3.48 15.88
CA LEU A 515 -21.99 3.87 14.55
C LEU A 515 -22.10 2.65 13.63
N ARG A 516 -23.23 2.58 12.93
CA ARG A 516 -23.51 1.52 11.97
C ARG A 516 -23.34 0.13 12.59
#